data_4I6F
#
_entry.id   4I6F
#
_cell.length_a   103.824
_cell.length_b   60.123
_cell.length_c   53.119
_cell.angle_alpha   90.00
_cell.angle_beta   107.14
_cell.angle_gamma   90.00
#
_symmetry.space_group_name_H-M   'C 1 2 1'
#
loop_
_entity.id
_entity.type
_entity.pdbx_description
1 polymer 'Serine/threonine-protein kinase PLK2'
2 non-polymer (7R)-8-cyclopentyl-7-ethyl-5-methyl-2-(2-phenyl-1H-imidazol-1-yl)-7,8-dihydropteridin-6(5H)-one
3 water water
#
_entity_poly.entity_id   1
_entity_poly.type   'polypeptide(L)'
_entity_poly.pdbx_seq_one_letter_code
;MMHHHHHHHHSHSGPEISRIIVDPTTGKRYSRGKTLGKGGFAKCYEMTDLTNNKVYAAKIIPHSRVSKPHQREKIDKEIE
LHRILHHKHVVQFYHYFEDKENIYILLEYCSRRSMAHILKARKVLTEPEVRYYLRQIVSGLKYLHEQEILHRDLKLGNFF
INESMELKVGDFGLAARLEPLEHRRRTICGTPNYLSPEVLNKQGHGAESDIWALGCVMYTMLLGRPPFETTNLKETYRSI
REARYTMPSSLLAPAKHLIASMLSKNPEDRPSLDDIIRHDFFTQGFTPDRLSSSCCHTVPDFHLSSPA
;
_entity_poly.pdbx_strand_id   A
#
# COMPACT_ATOMS: atom_id res chain seq x y z
N ARG A 19 -15.70 10.98 24.20
CA ARG A 19 -14.47 10.93 25.02
C ARG A 19 -13.30 11.80 24.56
N ILE A 20 -12.67 12.45 25.55
CA ILE A 20 -11.58 13.42 25.45
C ILE A 20 -10.25 12.78 25.80
N ILE A 21 -9.25 13.02 24.97
CA ILE A 21 -8.01 12.28 25.09
C ILE A 21 -6.88 13.27 25.05
N VAL A 22 -6.20 13.40 26.18
CA VAL A 22 -5.20 14.41 26.34
C VAL A 22 -3.82 13.83 26.17
N ASP A 23 -2.99 14.57 25.42
CA ASP A 23 -1.59 14.24 25.20
C ASP A 23 -0.80 14.73 26.39
N PRO A 24 -0.40 13.80 27.29
CA PRO A 24 0.17 14.14 28.59
C PRO A 24 1.56 14.78 28.46
N THR A 25 2.12 14.80 27.28
CA THR A 25 3.45 15.30 27.10
C THR A 25 3.37 16.72 26.72
N THR A 26 2.20 17.08 26.26
CA THR A 26 1.91 18.38 25.75
C THR A 26 0.55 18.80 26.16
N GLY A 27 0.23 20.02 25.93
CA GLY A 27 -1.16 20.40 25.90
C GLY A 27 -2.10 19.26 26.19
N LYS A 28 -2.67 18.57 25.23
CA LYS A 28 -3.12 18.99 23.96
C LYS A 28 -4.18 17.98 23.84
N ARG A 29 -5.39 18.47 23.76
CA ARG A 29 -6.60 17.71 23.89
C ARG A 29 -7.14 17.34 22.51
N TYR A 30 -7.75 16.15 22.44
CA TYR A 30 -8.28 15.54 21.24
C TYR A 30 -9.64 14.93 21.56
N SER A 31 -10.59 14.99 20.65
CA SER A 31 -11.87 14.29 20.82
C SER A 31 -11.85 13.03 19.97
N ARG A 32 -12.29 11.90 20.53
CA ARG A 32 -12.36 10.62 19.81
C ARG A 32 -13.77 10.37 19.32
N GLY A 33 -13.91 9.98 18.05
CA GLY A 33 -15.22 9.79 17.45
C GLY A 33 -15.48 8.35 17.08
N LYS A 34 -16.16 8.17 15.95
CA LYS A 34 -16.49 6.87 15.39
C LYS A 34 -15.32 5.84 15.33
N THR A 35 -15.65 4.57 15.55
CA THR A 35 -14.76 3.46 15.24
C THR A 35 -14.62 3.38 13.71
N LEU A 36 -13.56 2.73 13.21
CA LEU A 36 -13.30 2.60 11.76
C LEU A 36 -12.98 1.15 11.45
N GLY A 37 -12.90 0.35 12.51
CA GLY A 37 -12.73 -1.09 12.35
C GLY A 37 -11.40 -1.51 12.94
N LYS A 38 -11.11 -2.81 12.81
CA LYS A 38 -9.89 -3.44 13.29
C LYS A 38 -8.75 -3.23 12.29
N GLY A 39 -7.54 -3.06 12.81
CA GLY A 39 -6.36 -2.92 11.97
C GLY A 39 -5.16 -3.59 12.59
N GLY A 40 -5.27 -4.89 12.87
CA GLY A 40 -4.18 -5.67 13.49
C GLY A 40 -4.07 -5.41 14.98
N PHE A 41 -2.95 -4.87 15.42
CA PHE A 41 -2.80 -4.47 16.83
C PHE A 41 -3.70 -3.29 17.24
N ALA A 42 -3.80 -2.33 16.31
CA ALA A 42 -4.59 -1.13 16.44
C ALA A 42 -6.07 -1.43 16.33
N LYS A 43 -6.85 -0.69 17.13
CA LYS A 43 -8.27 -0.48 16.87
C LYS A 43 -8.34 0.93 16.31
N CYS A 44 -9.10 1.11 15.24
CA CYS A 44 -9.07 2.40 14.60
C CYS A 44 -10.27 3.22 15.05
N TYR A 45 -10.06 4.55 15.09
CA TYR A 45 -11.05 5.54 15.52
C TYR A 45 -10.78 6.83 14.80
N GLU A 46 -11.88 7.54 14.53
CA GLU A 46 -11.82 8.93 14.14
C GLU A 46 -11.34 9.73 15.33
N MET A 47 -10.48 10.70 15.07
CA MET A 47 -9.92 11.49 16.14
C MET A 47 -9.71 12.89 15.70
N THR A 48 -10.21 13.83 16.49
CA THR A 48 -10.20 15.25 16.16
C THR A 48 -9.25 16.04 17.04
N ASP A 49 -8.37 16.79 16.41
CA ASP A 49 -7.49 17.67 17.13
C ASP A 49 -8.29 18.93 17.39
N LEU A 50 -8.69 19.12 18.64
CA LEU A 50 -9.48 20.27 19.07
C LEU A 50 -8.78 21.63 18.84
N THR A 51 -7.48 21.59 18.65
CA THR A 51 -6.64 22.77 18.48
C THR A 51 -6.57 23.24 17.02
N ASN A 52 -7.12 22.47 16.09
CA ASN A 52 -7.28 22.95 14.70
C ASN A 52 -8.53 22.44 14.04
N ASN A 53 -9.33 21.69 14.79
CA ASN A 53 -10.56 21.05 14.30
C ASN A 53 -10.48 20.21 13.04
N LYS A 54 -9.32 19.62 12.75
CA LYS A 54 -9.30 18.71 11.63
C LYS A 54 -9.56 17.33 12.18
N VAL A 55 -10.24 16.49 11.41
CA VAL A 55 -10.37 15.06 11.72
C VAL A 55 -9.31 14.13 11.07
N TYR A 56 -8.91 13.11 11.84
CA TYR A 56 -7.85 12.18 11.44
C TYR A 56 -8.24 10.74 11.71
N ALA A 57 -7.73 9.85 10.87
CA ALA A 57 -7.81 8.42 11.10
C ALA A 57 -6.68 7.96 12.03
N ALA A 58 -7.07 7.37 13.16
CA ALA A 58 -6.13 7.03 14.18
C ALA A 58 -6.06 5.54 14.49
N LYS A 59 -4.83 5.06 14.62
CA LYS A 59 -4.54 3.77 15.24
C LYS A 59 -4.39 4.00 16.73
N ILE A 60 -5.01 3.12 17.51
CA ILE A 60 -4.88 3.15 18.95
C ILE A 60 -4.48 1.77 19.46
N ILE A 61 -3.20 1.61 19.74
CA ILE A 61 -2.63 0.37 20.24
C ILE A 61 -2.38 0.45 21.73
N PRO A 62 -3.15 -0.32 22.54
CA PRO A 62 -2.90 -0.37 23.97
C PRO A 62 -1.59 -1.11 24.23
N HIS A 63 -0.87 -0.73 25.29
CA HIS A 63 0.44 -1.33 25.61
C HIS A 63 0.37 -2.84 25.87
N SER A 64 -0.77 -3.26 26.45
CA SER A 64 -1.10 -4.66 26.77
C SER A 64 -0.88 -5.56 25.57
N ARG A 65 -1.17 -5.05 24.38
CA ARG A 65 -0.93 -5.79 23.13
C ARG A 65 0.51 -5.61 22.60
N VAL A 66 1.32 -4.74 23.19
CA VAL A 66 2.72 -4.59 22.73
C VAL A 66 3.76 -4.85 23.83
N SER A 67 3.35 -5.61 24.85
CA SER A 67 4.23 -6.14 25.91
C SER A 67 5.58 -6.67 25.39
N LYS A 68 5.52 -7.65 24.48
CA LYS A 68 6.70 -8.23 23.83
C LYS A 68 7.58 -7.23 23.06
N PRO A 69 8.91 -7.26 23.27
CA PRO A 69 9.86 -6.28 22.69
C PRO A 69 9.94 -6.17 21.15
N HIS A 70 9.77 -7.28 20.43
CA HIS A 70 9.90 -7.23 18.96
C HIS A 70 8.70 -6.58 18.24
N GLN A 71 7.50 -6.78 18.78
CA GLN A 71 6.32 -6.12 18.26
C GLN A 71 6.28 -4.69 18.75
N ARG A 72 6.94 -4.43 19.88
CA ARG A 72 7.12 -3.08 20.39
C ARG A 72 8.01 -2.34 19.42
N GLU A 73 9.07 -3.02 18.99
CA GLU A 73 9.97 -2.51 17.96
C GLU A 73 9.29 -2.37 16.58
N LYS A 74 8.38 -3.29 16.26
CA LYS A 74 7.67 -3.24 15.00
C LYS A 74 6.92 -1.91 14.84
N ILE A 75 6.40 -1.33 15.91
CA ILE A 75 5.65 -0.10 15.76
C ILE A 75 6.57 1.09 15.80
N ASP A 76 7.65 0.99 16.56
CA ASP A 76 8.59 2.09 16.64
C ASP A 76 9.13 2.46 15.23
N LYS A 77 9.37 1.41 14.44
CA LYS A 77 9.92 1.56 13.09
C LYS A 77 8.90 2.17 12.13
N GLU A 78 7.66 1.70 12.26
CA GLU A 78 6.59 2.18 11.41
C GLU A 78 6.47 3.67 11.58
N ILE A 79 6.40 4.12 12.84
CA ILE A 79 6.43 5.54 13.24
C ILE A 79 7.71 6.22 12.77
N GLU A 80 8.87 5.69 13.17
CA GLU A 80 10.17 6.31 12.80
C GLU A 80 10.26 6.56 11.29
N LEU A 81 9.95 5.53 10.51
CA LEU A 81 9.94 5.63 9.05
C LEU A 81 8.78 6.46 8.52
N HIS A 82 7.60 6.35 9.13
CA HIS A 82 6.48 7.10 8.60
C HIS A 82 6.54 8.61 8.82
N ARG A 83 7.04 9.01 9.98
CA ARG A 83 6.92 10.36 10.50
C ARG A 83 7.72 11.41 9.74
N ILE A 84 8.60 10.94 8.83
CA ILE A 84 9.38 11.78 7.89
C ILE A 84 8.84 11.82 6.46
N LEU A 85 7.63 11.31 6.22
CA LEU A 85 7.16 11.21 4.82
C LEU A 85 6.13 12.25 4.47
N HIS A 86 6.50 13.09 3.50
CA HIS A 86 5.58 14.09 2.94
CA HIS A 86 5.59 14.11 2.96
C HIS A 86 5.44 14.00 1.41
N HIS A 87 4.36 13.35 0.96
CA HIS A 87 4.03 13.24 -0.47
C HIS A 87 2.52 13.14 -0.64
N LYS A 88 2.02 13.71 -1.74
CA LYS A 88 0.59 13.71 -2.08
C LYS A 88 -0.05 12.29 -2.26
N HIS A 89 0.77 11.27 -2.50
CA HIS A 89 0.30 9.89 -2.66
C HIS A 89 0.88 8.94 -1.59
N VAL A 90 1.34 9.54 -0.49
CA VAL A 90 1.70 8.81 0.71
C VAL A 90 0.89 9.32 1.89
N VAL A 91 0.23 8.39 2.58
CA VAL A 91 -0.60 8.71 3.73
C VAL A 91 0.16 9.71 4.58
N GLN A 92 -0.43 10.88 4.74
CA GLN A 92 0.20 11.93 5.51
C GLN A 92 0.11 11.65 7.01
N PHE A 93 1.28 11.41 7.60
CA PHE A 93 1.42 11.14 9.02
C PHE A 93 1.21 12.48 9.70
N TYR A 94 0.38 12.54 10.73
CA TYR A 94 0.24 13.81 11.43
C TYR A 94 1.09 13.86 12.68
N HIS A 95 0.66 13.13 13.71
CA HIS A 95 1.32 13.13 15.00
C HIS A 95 1.17 11.74 15.62
N TYR A 96 2.00 11.44 16.61
CA TYR A 96 1.76 10.28 17.44
C TYR A 96 2.09 10.69 18.84
N PHE A 97 1.41 10.09 19.82
CA PHE A 97 1.77 10.25 21.23
C PHE A 97 1.31 9.02 21.99
N GLU A 98 1.74 8.92 23.24
CA GLU A 98 1.32 7.85 24.14
C GLU A 98 0.72 8.40 25.42
N ASP A 99 -0.19 7.62 26.01
CA ASP A 99 -0.50 7.76 27.43
C ASP A 99 -0.47 6.38 28.17
N LYS A 100 -0.72 6.35 29.48
CA LYS A 100 -0.59 5.13 30.29
C LYS A 100 -1.14 3.94 29.53
N GLU A 101 -2.40 4.05 29.09
CA GLU A 101 -3.05 2.95 28.40
C GLU A 101 -2.56 2.69 26.97
N ASN A 102 -2.68 3.69 26.10
CA ASN A 102 -2.62 3.42 24.67
C ASN A 102 -1.51 4.18 23.92
N ILE A 103 -1.17 3.66 22.74
CA ILE A 103 -0.29 4.36 21.81
C ILE A 103 -1.22 5.00 20.82
N TYR A 104 -0.94 6.23 20.38
CA TYR A 104 -1.85 6.93 19.48
C TYR A 104 -1.17 7.47 18.24
N ILE A 105 -1.67 7.06 17.09
CA ILE A 105 -1.15 7.46 15.78
C ILE A 105 -2.28 8.07 14.91
N LEU A 106 -2.12 9.34 14.56
CA LEU A 106 -3.09 9.98 13.68
C LEU A 106 -2.46 10.16 12.31
N LEU A 107 -3.28 9.76 11.33
CA LEU A 107 -2.93 9.68 9.93
C LEU A 107 -4.02 10.34 9.11
N GLU A 108 -3.70 10.70 7.87
CA GLU A 108 -4.66 11.27 6.91
C GLU A 108 -6.02 10.50 6.85
N TYR A 109 -7.14 11.17 7.10
CA TYR A 109 -8.46 10.57 6.97
C TYR A 109 -8.91 10.43 5.53
N CYS A 110 -9.11 9.18 5.11
CA CYS A 110 -9.40 8.80 3.72
C CYS A 110 -10.82 8.28 3.58
N SER A 111 -11.82 9.17 3.64
CA SER A 111 -13.25 8.78 3.70
C SER A 111 -13.70 7.66 2.77
N ARG A 112 -13.05 7.50 1.63
CA ARG A 112 -13.50 6.56 0.61
C ARG A 112 -12.58 5.38 0.56
N ARG A 113 -12.10 4.97 1.71
CA ARG A 113 -11.55 3.67 2.04
C ARG A 113 -10.28 3.19 1.34
N SER A 114 -10.34 2.08 0.66
CA SER A 114 -9.19 1.50 -0.02
C SER A 114 -9.59 1.02 -1.38
N MET A 115 -8.64 0.60 -2.16
CA MET A 115 -8.87 -0.17 -3.36
C MET A 115 -9.54 -1.48 -3.04
N ALA A 116 -9.02 -2.21 -2.04
CA ALA A 116 -9.52 -3.54 -1.66
C ALA A 116 -11.05 -3.55 -1.59
N HIS A 117 -11.60 -2.51 -0.96
CA HIS A 117 -13.05 -2.28 -0.82
C HIS A 117 -13.70 -2.05 -2.17
N ILE A 118 -13.21 -1.05 -2.90
CA ILE A 118 -13.65 -0.76 -4.27
C ILE A 118 -13.73 -2.02 -5.14
N LEU A 119 -12.68 -2.84 -5.14
CA LEU A 119 -12.65 -3.92 -6.11
C LEU A 119 -13.60 -5.07 -5.79
N LYS A 120 -13.78 -5.40 -4.51
CA LYS A 120 -14.85 -6.28 -4.03
C LYS A 120 -16.24 -5.88 -4.61
N ALA A 121 -16.55 -4.59 -4.59
CA ALA A 121 -17.81 -4.07 -5.12
C ALA A 121 -17.90 -4.32 -6.63
N ARG A 122 -16.96 -3.74 -7.35
CA ARG A 122 -16.92 -3.71 -8.77
C ARG A 122 -16.24 -4.86 -9.44
N LYS A 123 -15.53 -5.70 -8.68
CA LYS A 123 -14.93 -6.96 -9.13
C LYS A 123 -13.72 -6.78 -9.97
N VAL A 124 -13.85 -6.00 -11.03
CA VAL A 124 -12.85 -5.80 -12.05
C VAL A 124 -12.99 -4.36 -12.48
N LEU A 125 -11.93 -3.68 -12.88
CA LEU A 125 -11.97 -2.27 -13.25
C LEU A 125 -11.80 -1.99 -14.76
N THR A 126 -12.26 -0.83 -15.23
CA THR A 126 -12.01 -0.41 -16.60
C THR A 126 -10.61 0.23 -16.66
N GLU A 127 -9.92 0.07 -17.80
CA GLU A 127 -8.53 0.55 -17.96
C GLU A 127 -8.31 2.02 -17.59
N PRO A 128 -9.15 2.94 -18.09
CA PRO A 128 -8.88 4.33 -17.73
C PRO A 128 -8.64 4.49 -16.24
N GLU A 129 -9.37 3.71 -15.44
CA GLU A 129 -9.26 3.80 -13.98
C GLU A 129 -8.03 3.09 -13.47
N VAL A 130 -7.73 1.94 -14.07
CA VAL A 130 -6.53 1.26 -13.73
C VAL A 130 -5.36 2.22 -13.95
N ARG A 131 -5.29 2.85 -15.13
CA ARG A 131 -4.27 3.85 -15.41
C ARG A 131 -4.36 5.04 -14.43
N TYR A 132 -5.57 5.48 -14.09
CA TYR A 132 -5.76 6.50 -13.04
C TYR A 132 -5.19 6.11 -11.65
N TYR A 133 -5.47 4.91 -11.19
CA TYR A 133 -5.00 4.43 -9.90
C TYR A 133 -3.54 4.04 -9.89
N LEU A 134 -3.07 3.38 -10.93
CA LEU A 134 -1.65 3.03 -11.02
C LEU A 134 -0.72 4.28 -11.08
N ARG A 135 -1.11 5.28 -11.87
CA ARG A 135 -0.28 6.47 -11.95
C ARG A 135 -0.02 7.00 -10.56
N GLN A 136 -1.01 6.85 -9.69
CA GLN A 136 -0.96 7.41 -8.35
C GLN A 136 -0.14 6.55 -7.40
N ILE A 137 -0.26 5.24 -7.57
CA ILE A 137 0.55 4.26 -6.80
C ILE A 137 2.01 4.42 -7.17
N VAL A 138 2.27 4.59 -8.45
CA VAL A 138 3.63 4.74 -8.99
C VAL A 138 4.35 6.05 -8.58
N SER A 139 3.59 7.14 -8.55
CA SER A 139 4.09 8.43 -8.13
C SER A 139 4.51 8.40 -6.67
N GLY A 140 3.64 7.86 -5.82
CA GLY A 140 3.91 7.83 -4.39
C GLY A 140 5.11 6.96 -4.11
N LEU A 141 5.26 5.92 -4.92
CA LEU A 141 6.33 4.96 -4.73
C LEU A 141 7.70 5.45 -5.24
N LYS A 142 7.74 6.42 -6.14
CA LYS A 142 9.02 7.00 -6.55
C LYS A 142 9.55 7.73 -5.34
N TYR A 143 8.67 8.52 -4.72
CA TYR A 143 9.01 9.28 -3.52
C TYR A 143 9.76 8.41 -2.51
N LEU A 144 9.08 7.37 -2.02
CA LEU A 144 9.65 6.42 -1.07
C LEU A 144 10.94 5.84 -1.60
N HIS A 145 10.89 5.30 -2.82
CA HIS A 145 12.03 4.61 -3.37
C HIS A 145 13.23 5.56 -3.52
N GLU A 146 12.96 6.82 -3.85
CA GLU A 146 14.05 7.79 -3.94
C GLU A 146 14.58 8.19 -2.57
N GLN A 147 13.68 8.20 -1.59
CA GLN A 147 14.06 8.32 -0.19
C GLN A 147 14.72 7.06 0.34
N GLU A 148 14.93 6.06 -0.53
CA GLU A 148 15.61 4.81 -0.19
C GLU A 148 14.82 3.91 0.77
N ILE A 149 13.50 4.11 0.79
CA ILE A 149 12.60 3.31 1.62
C ILE A 149 11.79 2.34 0.77
N LEU A 150 11.71 1.08 1.22
CA LEU A 150 10.90 0.01 0.58
C LEU A 150 9.62 -0.19 1.36
N HIS A 151 8.47 -0.26 0.67
CA HIS A 151 7.16 -0.38 1.34
C HIS A 151 6.97 -1.77 1.86
N ARG A 152 7.37 -2.73 1.02
CA ARG A 152 7.37 -4.15 1.33
C ARG A 152 5.99 -4.82 1.55
N ASP A 153 4.89 -4.08 1.34
CA ASP A 153 3.58 -4.72 1.40
C ASP A 153 2.54 -4.03 0.51
N LEU A 154 2.94 -3.58 -0.69
CA LEU A 154 1.95 -3.06 -1.62
C LEU A 154 0.81 -4.09 -1.84
N LYS A 155 -0.41 -3.68 -1.52
CA LYS A 155 -1.57 -4.50 -1.77
C LYS A 155 -2.78 -3.57 -1.79
N LEU A 156 -3.83 -4.00 -2.48
CA LEU A 156 -4.99 -3.17 -2.71
C LEU A 156 -5.51 -2.59 -1.44
N GLY A 157 -5.48 -3.36 -0.35
CA GLY A 157 -5.90 -2.87 1.00
C GLY A 157 -5.18 -1.62 1.52
N ASN A 158 -3.90 -1.49 1.16
CA ASN A 158 -3.00 -0.41 1.59
C ASN A 158 -2.89 0.75 0.61
N PHE A 159 -3.91 0.91 -0.23
CA PHE A 159 -4.03 2.09 -1.12
C PHE A 159 -5.29 2.77 -0.71
N PHE A 160 -5.14 3.92 -0.07
CA PHE A 160 -6.29 4.56 0.49
C PHE A 160 -6.84 5.65 -0.43
N ILE A 161 -8.15 5.70 -0.56
CA ILE A 161 -8.83 6.70 -1.35
C ILE A 161 -9.52 7.68 -0.42
N ASN A 162 -9.55 8.94 -0.81
CA ASN A 162 -10.21 9.95 0.01
C ASN A 162 -11.52 10.41 -0.62
N GLU A 163 -12.14 11.40 -0.02
CA GLU A 163 -13.36 12.01 -0.53
C GLU A 163 -13.24 12.40 -2.03
N SER A 164 -12.13 13.04 -2.39
CA SER A 164 -11.94 13.61 -3.73
C SER A 164 -11.27 12.63 -4.66
N MET A 165 -11.54 11.35 -4.37
CA MET A 165 -11.05 10.19 -5.13
C MET A 165 -9.54 10.08 -5.41
N GLU A 166 -8.72 10.71 -4.56
CA GLU A 166 -7.25 10.61 -4.61
C GLU A 166 -6.62 9.46 -3.84
N LEU A 167 -5.55 8.93 -4.40
CA LEU A 167 -4.92 7.73 -3.85
C LEU A 167 -3.68 8.03 -3.01
N LYS A 168 -3.65 7.45 -1.81
CA LYS A 168 -2.50 7.50 -0.91
C LYS A 168 -2.13 6.11 -0.42
N VAL A 169 -0.85 5.80 -0.37
CA VAL A 169 -0.31 4.50 0.01
C VAL A 169 0.00 4.56 1.46
N GLY A 170 -0.37 3.55 2.21
CA GLY A 170 -0.25 3.62 3.63
C GLY A 170 0.15 2.33 4.25
N ASP A 171 -0.11 2.19 5.52
CA ASP A 171 0.40 1.07 6.32
C ASP A 171 1.88 0.68 6.22
N PHE A 172 2.70 1.46 6.85
CA PHE A 172 4.09 1.31 6.66
C PHE A 172 4.67 0.41 7.69
N GLY A 173 3.98 -0.69 7.87
CA GLY A 173 4.15 -1.58 8.99
C GLY A 173 5.11 -2.62 8.67
N LEU A 174 5.39 -2.77 7.40
CA LEU A 174 6.37 -3.73 6.97
C LEU A 174 7.39 -3.04 6.17
N ALA A 175 7.59 -1.76 6.44
CA ALA A 175 8.56 -0.96 5.64
C ALA A 175 10.02 -1.13 6.11
N ALA A 176 10.97 -0.80 5.24
CA ALA A 176 12.38 -0.84 5.63
C ALA A 176 13.26 0.04 4.76
N ARG A 177 14.43 0.44 5.25
CA ARG A 177 15.40 1.18 4.43
C ARG A 177 16.17 0.20 3.56
N LEU A 178 16.48 0.64 2.33
CA LEU A 178 17.33 -0.10 1.42
C LEU A 178 18.66 -0.37 2.12
N GLU A 179 19.29 -1.46 1.72
CA GLU A 179 20.45 -2.02 2.40
C GLU A 179 21.56 -2.39 1.42
N PRO A 180 22.82 -2.53 1.89
CA PRO A 180 23.81 -3.19 1.04
C PRO A 180 23.38 -4.64 0.78
N LEU A 181 23.44 -5.06 -0.50
CA LEU A 181 22.88 -6.35 -0.93
C LEU A 181 23.55 -7.57 -0.25
N GLU A 182 24.73 -7.32 0.31
CA GLU A 182 25.54 -8.30 1.08
C GLU A 182 25.17 -8.42 2.58
N HIS A 183 24.62 -7.34 3.15
CA HIS A 183 24.29 -7.28 4.57
C HIS A 183 22.76 -7.34 4.82
N ARG A 184 21.99 -7.31 3.73
CA ARG A 184 20.51 -7.26 3.71
C ARG A 184 19.79 -8.39 4.48
N ARG A 185 18.56 -8.10 4.97
CA ARG A 185 17.64 -9.11 5.56
C ARG A 185 17.24 -10.20 4.54
N ARG A 186 17.49 -11.46 4.90
CA ARG A 186 17.19 -12.60 4.04
C ARG A 186 15.86 -13.27 4.36
N THR A 187 15.56 -13.40 5.64
CA THR A 187 14.26 -13.89 6.10
C THR A 187 13.06 -13.04 5.57
N ILE A 188 11.94 -13.72 5.33
CA ILE A 188 10.67 -13.07 5.01
C ILE A 188 10.22 -12.30 6.25
N CYS A 189 10.34 -10.97 6.20
CA CYS A 189 9.80 -10.14 7.26
C CYS A 189 8.28 -10.11 7.14
N GLY A 190 7.59 -10.31 8.26
CA GLY A 190 6.13 -10.37 8.26
C GLY A 190 5.58 -11.34 7.23
N THR A 191 4.41 -11.03 6.67
CA THR A 191 3.83 -11.87 5.61
C THR A 191 3.09 -11.09 4.49
N PRO A 192 3.85 -10.65 3.47
CA PRO A 192 3.32 -9.83 2.42
C PRO A 192 2.25 -10.56 1.65
N ASN A 193 1.54 -9.78 0.85
CA ASN A 193 0.42 -10.24 0.12
C ASN A 193 0.98 -10.92 -1.10
N TYR A 194 2.06 -10.36 -1.64
CA TYR A 194 2.73 -10.87 -2.84
C TYR A 194 4.23 -11.13 -2.68
N LEU A 195 4.59 -12.32 -2.20
CA LEU A 195 5.99 -12.83 -2.20
C LEU A 195 6.61 -12.88 -3.60
N SER A 196 7.88 -12.49 -3.69
CA SER A 196 8.53 -12.43 -4.99
C SER A 196 9.44 -13.66 -5.16
N PRO A 197 9.82 -13.98 -6.41
CA PRO A 197 10.75 -15.04 -6.70
C PRO A 197 12.03 -14.83 -5.91
N GLU A 198 12.67 -13.66 -6.11
CA GLU A 198 13.97 -13.39 -5.49
C GLU A 198 13.88 -13.58 -3.99
N VAL A 199 12.89 -12.94 -3.35
CA VAL A 199 12.68 -13.09 -1.91
C VAL A 199 12.41 -14.54 -1.49
N LEU A 200 11.98 -15.38 -2.42
CA LEU A 200 11.75 -16.75 -2.07
C LEU A 200 12.98 -17.60 -2.20
N ASN A 201 13.92 -17.17 -3.02
CA ASN A 201 15.21 -17.86 -3.15
C ASN A 201 16.16 -17.39 -2.06
N LYS A 202 15.60 -16.80 -1.00
CA LYS A 202 16.36 -16.15 0.06
C LYS A 202 17.43 -15.28 -0.57
N GLN A 203 16.99 -14.12 -1.08
CA GLN A 203 17.88 -13.07 -1.58
C GLN A 203 17.44 -11.70 -1.06
N GLY A 204 16.35 -11.67 -0.28
CA GLY A 204 15.87 -10.45 0.33
C GLY A 204 15.11 -9.52 -0.60
N HIS A 205 14.25 -8.69 0.00
CA HIS A 205 13.37 -7.72 -0.69
C HIS A 205 14.13 -6.55 -1.34
N GLY A 206 14.02 -6.41 -2.64
CA GLY A 206 14.59 -5.26 -3.31
C GLY A 206 13.54 -4.24 -3.75
N ALA A 207 13.99 -3.14 -4.32
CA ALA A 207 13.06 -2.14 -4.81
C ALA A 207 12.19 -2.78 -5.88
N GLU A 208 12.79 -3.74 -6.59
CA GLU A 208 12.12 -4.44 -7.71
C GLU A 208 11.05 -5.39 -7.16
N SER A 209 11.27 -5.87 -5.94
CA SER A 209 10.29 -6.67 -5.22
C SER A 209 9.02 -5.88 -5.00
N ASP A 210 9.15 -4.57 -4.86
CA ASP A 210 7.96 -3.71 -4.93
C ASP A 210 7.37 -3.68 -6.36
N ILE A 211 8.24 -3.62 -7.37
CA ILE A 211 7.76 -3.60 -8.79
C ILE A 211 6.97 -4.90 -9.07
N TRP A 212 7.54 -6.01 -8.62
CA TRP A 212 6.85 -7.30 -8.58
C TRP A 212 5.40 -7.11 -8.10
N ALA A 213 5.24 -6.59 -6.88
CA ALA A 213 3.93 -6.42 -6.28
C ALA A 213 2.96 -5.64 -7.18
N LEU A 214 3.45 -4.55 -7.77
CA LEU A 214 2.73 -3.69 -8.71
C LEU A 214 2.15 -4.48 -9.89
N GLY A 215 2.97 -5.34 -10.48
CA GLY A 215 2.48 -6.26 -11.49
C GLY A 215 1.28 -7.03 -10.93
N CYS A 216 1.45 -7.69 -9.78
CA CYS A 216 0.41 -8.60 -9.25
C CYS A 216 -0.82 -7.77 -9.09
N VAL A 217 -0.63 -6.59 -8.50
CA VAL A 217 -1.68 -5.62 -8.22
C VAL A 217 -2.44 -5.14 -9.49
N MET A 218 -1.71 -4.71 -10.51
CA MET A 218 -2.36 -4.36 -11.78
C MET A 218 -3.17 -5.53 -12.32
N TYR A 219 -2.54 -6.71 -12.29
CA TYR A 219 -3.20 -7.94 -12.70
C TYR A 219 -4.57 -8.05 -12.04
N THR A 220 -4.57 -8.04 -10.72
CA THR A 220 -5.77 -8.16 -9.92
C THR A 220 -6.81 -7.12 -10.33
N MET A 221 -6.36 -5.90 -10.58
CA MET A 221 -7.25 -4.82 -10.89
C MET A 221 -7.94 -5.08 -12.20
N LEU A 222 -7.23 -5.71 -13.12
CA LEU A 222 -7.79 -5.99 -14.42
C LEU A 222 -8.65 -7.29 -14.47
N LEU A 223 -8.43 -8.21 -13.53
CA LEU A 223 -9.07 -9.51 -13.61
C LEU A 223 -9.84 -9.90 -12.33
N GLY A 224 -9.57 -9.18 -11.25
CA GLY A 224 -10.20 -9.46 -9.96
C GLY A 224 -9.67 -10.69 -9.24
N ARG A 225 -8.57 -11.27 -9.73
CA ARG A 225 -7.91 -12.39 -9.07
C ARG A 225 -6.40 -12.28 -9.28
N PRO A 226 -5.58 -12.55 -8.23
CA PRO A 226 -4.10 -12.41 -8.33
C PRO A 226 -3.45 -13.41 -9.29
N PRO A 227 -2.29 -13.05 -9.91
CA PRO A 227 -1.69 -13.96 -10.89
C PRO A 227 -1.16 -15.24 -10.27
N PHE A 228 -0.84 -15.18 -8.96
CA PHE A 228 -0.39 -16.32 -8.13
C PHE A 228 -1.17 -16.45 -6.79
N GLU A 229 -1.15 -17.63 -6.16
CA GLU A 229 -1.79 -17.74 -4.86
C GLU A 229 -1.16 -16.80 -3.83
N THR A 230 -1.93 -16.45 -2.80
CA THR A 230 -1.58 -15.39 -1.84
C THR A 230 -1.62 -15.98 -0.45
N THR A 231 -1.53 -17.30 -0.38
CA THR A 231 -1.51 -18.07 0.86
C THR A 231 -0.13 -18.15 1.60
N ASN A 232 0.96 -17.85 0.88
CA ASN A 232 2.32 -17.96 1.41
C ASN A 232 2.71 -19.41 1.84
N LEU A 233 1.91 -20.39 1.40
CA LEU A 233 2.19 -21.82 1.57
C LEU A 233 3.36 -22.30 0.68
N LYS A 234 4.20 -23.16 1.21
CA LYS A 234 5.34 -23.70 0.43
C LYS A 234 4.90 -24.44 -0.84
N GLU A 235 3.67 -24.96 -0.85
CA GLU A 235 3.12 -25.63 -2.04
C GLU A 235 3.14 -24.73 -3.25
N THR A 236 3.18 -23.43 -2.97
CA THR A 236 2.90 -22.42 -3.96
C THR A 236 4.22 -21.79 -4.47
N TYR A 237 5.33 -22.27 -3.92
CA TYR A 237 6.64 -21.64 -4.06
C TYR A 237 7.32 -21.89 -5.39
N ARG A 238 7.33 -23.16 -5.84
CA ARG A 238 7.88 -23.51 -7.17
C ARG A 238 7.20 -22.66 -8.24
N SER A 239 5.87 -22.58 -8.16
CA SER A 239 5.06 -21.80 -9.09
C SER A 239 5.48 -20.34 -9.20
N ILE A 240 5.65 -19.68 -8.06
CA ILE A 240 6.12 -18.28 -8.03
C ILE A 240 7.55 -18.18 -8.56
N ARG A 241 8.44 -19.06 -8.07
CA ARG A 241 9.84 -19.08 -8.47
C ARG A 241 10.03 -19.19 -9.98
N GLU A 242 9.26 -20.10 -10.62
CA GLU A 242 9.17 -20.21 -12.10
C GLU A 242 8.64 -18.93 -12.76
N ALA A 243 7.90 -18.12 -11.97
CA ALA A 243 7.12 -16.94 -12.42
C ALA A 243 6.21 -17.22 -13.63
N ARG A 244 5.48 -18.32 -13.51
CA ARG A 244 4.59 -18.79 -14.55
C ARG A 244 3.17 -18.68 -14.02
N TYR A 245 2.29 -18.18 -14.89
CA TYR A 245 0.88 -17.90 -14.59
C TYR A 245 0.10 -17.87 -15.91
N THR A 246 -1.24 -17.94 -15.81
CA THR A 246 -2.10 -17.79 -16.98
C THR A 246 -2.17 -16.31 -17.38
N MET A 247 -1.75 -15.98 -18.61
CA MET A 247 -2.10 -14.70 -19.23
C MET A 247 -3.39 -14.91 -20.01
N PRO A 248 -4.53 -14.41 -19.50
CA PRO A 248 -5.80 -14.57 -20.21
C PRO A 248 -5.88 -13.68 -21.45
N SER A 249 -6.61 -14.16 -22.46
CA SER A 249 -6.79 -13.44 -23.72
C SER A 249 -7.54 -12.13 -23.53
N SER A 250 -8.34 -12.04 -22.46
CA SER A 250 -9.18 -10.87 -22.19
C SER A 250 -8.39 -9.57 -22.14
N LEU A 251 -7.07 -9.67 -21.94
CA LEU A 251 -6.14 -8.52 -21.89
C LEU A 251 -5.77 -8.02 -23.26
N LEU A 252 -5.92 -6.73 -23.45
CA LEU A 252 -5.34 -6.11 -24.62
C LEU A 252 -3.81 -6.25 -24.51
N ALA A 253 -3.15 -6.24 -25.68
CA ALA A 253 -1.69 -6.36 -25.74
C ALA A 253 -0.91 -5.36 -24.84
N PRO A 254 -1.18 -4.04 -24.94
CA PRO A 254 -0.49 -3.15 -23.98
C PRO A 254 -0.48 -3.68 -22.53
N ALA A 255 -1.63 -4.00 -21.97
CA ALA A 255 -1.73 -4.45 -20.58
C ALA A 255 -0.97 -5.76 -20.40
N LYS A 256 -1.22 -6.72 -21.28
CA LYS A 256 -0.50 -7.96 -21.32
C LYS A 256 1.01 -7.70 -21.21
N HIS A 257 1.56 -6.97 -22.18
CA HIS A 257 2.99 -6.66 -22.20
C HIS A 257 3.51 -6.04 -20.89
N LEU A 258 2.98 -4.86 -20.54
CA LEU A 258 3.32 -4.28 -19.26
C LEU A 258 3.32 -5.29 -18.08
N ILE A 259 2.23 -6.02 -17.84
CA ILE A 259 2.16 -6.94 -16.70
C ILE A 259 3.30 -7.94 -16.73
N ALA A 260 3.55 -8.46 -17.92
CA ALA A 260 4.66 -9.38 -18.19
C ALA A 260 6.03 -8.79 -17.76
N SER A 261 6.37 -7.58 -18.20
CA SER A 261 7.70 -7.07 -17.85
C SER A 261 7.80 -6.88 -16.34
N MET A 262 6.72 -6.34 -15.72
CA MET A 262 6.68 -6.14 -14.26
C MET A 262 6.85 -7.43 -13.48
N LEU A 263 6.27 -8.52 -13.99
CA LEU A 263 6.39 -9.83 -13.34
C LEU A 263 7.47 -10.66 -14.02
N SER A 264 8.61 -10.05 -14.38
CA SER A 264 9.78 -10.78 -14.93
C SER A 264 10.25 -11.70 -13.85
N LYS A 265 10.88 -12.81 -14.23
CA LYS A 265 11.26 -13.82 -13.24
C LYS A 265 12.43 -13.37 -12.40
N ASN A 266 13.51 -12.99 -13.11
CA ASN A 266 14.74 -12.38 -12.54
C ASN A 266 14.56 -10.87 -12.50
N PRO A 267 14.70 -10.29 -11.29
CA PRO A 267 14.35 -8.89 -10.99
C PRO A 267 15.01 -7.81 -11.84
N GLU A 268 16.28 -7.99 -12.23
CA GLU A 268 17.03 -6.94 -12.96
C GLU A 268 16.52 -6.76 -14.40
N ASP A 269 15.47 -7.54 -14.74
CA ASP A 269 14.77 -7.41 -16.01
C ASP A 269 13.50 -6.57 -15.88
N ARG A 270 12.96 -6.52 -14.68
CA ARG A 270 11.78 -5.72 -14.41
C ARG A 270 12.09 -4.24 -14.71
N PRO A 271 11.09 -3.49 -15.22
CA PRO A 271 11.22 -2.07 -15.61
C PRO A 271 11.43 -1.10 -14.43
N SER A 272 11.84 0.14 -14.73
CA SER A 272 11.83 1.20 -13.74
C SER A 272 10.46 1.88 -13.64
N LEU A 273 10.30 2.67 -12.56
CA LEU A 273 9.04 3.36 -12.32
C LEU A 273 8.74 4.35 -13.44
N ASP A 274 9.75 5.12 -13.84
CA ASP A 274 9.69 5.94 -15.07
C ASP A 274 9.36 5.09 -16.33
N ASP A 275 10.01 3.93 -16.53
CA ASP A 275 9.71 3.09 -17.71
C ASP A 275 8.24 2.66 -17.68
N ILE A 276 7.69 2.54 -16.47
CA ILE A 276 6.33 2.02 -16.22
C ILE A 276 5.25 3.05 -16.59
N ILE A 277 5.36 4.28 -16.10
CA ILE A 277 4.36 5.29 -16.49
C ILE A 277 4.50 5.79 -17.95
N ARG A 278 5.55 5.32 -18.63
CA ARG A 278 5.82 5.72 -19.97
C ARG A 278 5.57 4.59 -20.97
N HIS A 279 5.06 3.46 -20.46
CA HIS A 279 4.72 2.27 -21.26
C HIS A 279 3.53 2.57 -22.17
N ASP A 280 3.38 1.85 -23.27
CA ASP A 280 2.20 1.99 -24.13
C ASP A 280 0.85 1.99 -23.39
N PHE A 281 0.68 1.01 -22.51
CA PHE A 281 -0.50 0.92 -21.67
C PHE A 281 -0.92 2.29 -21.16
N PHE A 282 0.07 3.11 -20.81
CA PHE A 282 -0.19 4.45 -20.33
C PHE A 282 -0.44 5.50 -21.40
N THR A 283 0.35 5.44 -22.48
CA THR A 283 0.44 6.57 -23.41
C THR A 283 -0.66 6.56 -24.46
N GLN A 284 -1.08 5.37 -24.86
CA GLN A 284 -1.99 5.24 -26.00
C GLN A 284 -3.43 4.90 -25.62
N GLY A 285 -3.76 5.07 -24.35
CA GLY A 285 -5.15 5.11 -23.91
C GLY A 285 -5.49 6.53 -23.48
N PHE A 286 -6.72 6.75 -23.02
CA PHE A 286 -7.08 8.00 -22.37
C PHE A 286 -7.19 7.81 -20.85
N THR A 287 -6.82 8.86 -20.09
CA THR A 287 -6.89 8.83 -18.62
C THR A 287 -7.43 10.12 -17.95
N PRO A 288 -8.51 10.00 -17.16
CA PRO A 288 -9.09 11.18 -16.51
C PRO A 288 -8.21 11.78 -15.40
N ASP A 289 -8.35 13.08 -15.18
CA ASP A 289 -7.62 13.72 -14.12
C ASP A 289 -8.42 13.47 -12.87
N ARG A 290 -9.74 13.50 -13.04
CA ARG A 290 -10.69 13.41 -11.95
C ARG A 290 -11.53 12.16 -12.18
N LEU A 291 -11.79 11.44 -11.11
CA LEU A 291 -12.63 10.27 -11.20
C LEU A 291 -13.74 10.47 -10.22
N SER A 292 -14.94 10.10 -10.63
CA SER A 292 -16.13 10.23 -9.82
C SER A 292 -16.13 9.27 -8.61
N SER A 293 -17.00 9.52 -7.66
CA SER A 293 -17.15 8.65 -6.50
C SER A 293 -17.99 7.45 -6.83
N SER A 294 -18.79 7.56 -7.88
CA SER A 294 -19.66 6.47 -8.29
C SER A 294 -18.86 5.31 -8.91
N CYS A 295 -17.62 5.60 -9.32
CA CYS A 295 -16.65 4.55 -9.68
C CYS A 295 -16.29 3.61 -8.54
N CYS A 296 -16.75 3.94 -7.33
CA CYS A 296 -16.62 3.02 -6.22
C CYS A 296 -17.57 1.85 -6.39
N HIS A 297 -18.78 2.12 -6.88
CA HIS A 297 -19.84 1.11 -7.00
C HIS A 297 -20.19 0.75 -8.45
N THR A 298 -20.26 1.76 -9.32
CA THR A 298 -20.62 1.59 -10.75
C THR A 298 -19.43 1.75 -11.74
N VAL A 299 -19.56 1.09 -12.87
CA VAL A 299 -18.57 1.12 -13.95
C VAL A 299 -18.89 2.34 -14.83
N PRO A 300 -17.85 3.03 -15.36
CA PRO A 300 -18.07 4.31 -16.03
C PRO A 300 -18.58 4.21 -17.47
N ASP A 301 -18.64 5.35 -18.13
CA ASP A 301 -19.16 5.44 -19.48
C ASP A 301 -17.99 5.34 -20.42
N PHE A 302 -18.25 4.90 -21.64
CA PHE A 302 -17.23 4.85 -22.70
C PHE A 302 -16.32 6.13 -22.91
N HIS A 303 -15.05 5.90 -23.25
CA HIS A 303 -14.03 6.94 -23.65
C HIS A 303 -13.90 8.20 -22.78
#